data_4YPY
#
_entry.id   4YPY
#
_cell.length_a   93.843
_cell.length_b   93.843
_cell.length_c   178.180
_cell.angle_alpha   90.000
_cell.angle_beta   90.000
_cell.angle_gamma   120.000
#
_symmetry.space_group_name_H-M   'H 3 2'
#
loop_
_entity.id
_entity.type
_entity.pdbx_description
1 polymer 'tRNA (guanine-N(1)-)-methyltransferase'
2 non-polymer 4-(1H-imidazol-5-yl)pyridine
3 non-polymer 'CITRATE ANION'
4 water water
#
_entity_poly.entity_id   1
_entity_poly.type   'polypeptide(L)'
_entity_poly.pdbx_seq_one_letter_code
;GLVPRGSHMWIGVISLFPEMFKAITEFGVTGRAVKHNLLKVECWNPRDFTFDKHKTVDDRPYGGGPGMLMMVQPLRDAIH
TAKAAAGEGAKVIYLSPQGRKLDQGGVTELAQNQKLILVCGRYEGIDERLIQTEIDEEWSIGDYVLTGGELPAMTLIDAV
ARFIPGVLGKQASAEEDSFADGLLDCPHYTRPEVLEGLTVPPVLMSGHHEEIRKWRLKQSLQRTWLRRPELLEGLALTDE
QRKLLKEAQAEHNS
;
_entity_poly.pdbx_strand_id   A
#
# COMPACT_ATOMS: atom_id res chain seq x y z
N SER A 7 19.18 -0.09 1.02
CA SER A 7 19.07 1.29 0.58
C SER A 7 17.91 2.02 1.27
N HIS A 8 18.28 3.04 2.04
CA HIS A 8 17.35 3.90 2.77
C HIS A 8 16.16 4.37 1.91
N MET A 9 15.00 4.49 2.54
CA MET A 9 13.88 5.21 1.91
C MET A 9 13.45 6.30 2.86
N TRP A 10 13.24 7.50 2.33
CA TRP A 10 12.77 8.63 3.12
C TRP A 10 11.37 9.02 2.67
N ILE A 11 10.43 9.10 3.60
CA ILE A 11 9.09 9.47 3.23
C ILE A 11 8.63 10.64 4.09
N GLY A 12 8.38 11.76 3.44
CA GLY A 12 7.82 12.93 4.10
C GLY A 12 6.32 12.82 4.06
N VAL A 13 5.66 13.23 5.14
CA VAL A 13 4.21 13.11 5.25
C VAL A 13 3.63 14.46 5.62
N ILE A 14 2.59 14.88 4.90
CA ILE A 14 1.84 16.08 5.29
C ILE A 14 0.49 15.63 5.82
N SER A 15 0.20 15.91 7.08
CA SER A 15 -1.00 15.39 7.73
C SER A 15 -1.41 16.21 8.92
N LEU A 16 -2.72 16.42 9.07
CA LEU A 16 -3.27 17.08 10.25
C LEU A 16 -3.26 16.16 11.48
N PHE A 17 -2.98 14.88 11.26
CA PHE A 17 -2.95 13.91 12.35
C PHE A 17 -1.70 13.06 12.31
N PRO A 18 -0.53 13.69 12.48
CA PRO A 18 0.73 12.95 12.38
C PRO A 18 0.84 11.80 13.37
N GLU A 19 0.16 11.87 14.51
CA GLU A 19 0.31 10.80 15.49
C GLU A 19 -0.29 9.49 15.00
N MET A 20 -1.16 9.54 13.97
CA MET A 20 -1.67 8.30 13.38
C MET A 20 -0.53 7.44 12.86
N PHE A 21 0.55 8.08 12.41
CA PHE A 21 1.63 7.35 11.79
C PHE A 21 2.47 6.55 12.79
N LYS A 22 2.26 6.77 14.09
CA LYS A 22 2.87 5.89 15.09
C LYS A 22 2.46 4.44 14.84
N ALA A 23 1.30 4.23 14.23
CA ALA A 23 0.84 2.87 13.96
C ALA A 23 1.82 2.12 13.08
N ILE A 24 2.49 2.82 12.17
CA ILE A 24 3.51 2.11 11.40
C ILE A 24 4.94 2.37 11.89
N THR A 25 5.22 3.53 12.49
CA THR A 25 6.62 3.77 12.88
C THR A 25 7.01 3.12 14.21
N GLU A 26 6.03 2.72 15.03
CA GLU A 26 6.35 2.17 16.36
C GLU A 26 6.12 0.66 16.50
N PHE A 27 5.57 0.02 15.48
CA PHE A 27 5.18 -1.39 15.61
C PHE A 27 5.56 -2.27 14.44
N GLY A 28 5.84 -3.53 14.75
CA GLY A 28 6.00 -4.56 13.75
C GLY A 28 7.19 -4.37 12.84
N VAL A 29 7.06 -4.94 11.65
CA VAL A 29 8.10 -4.91 10.63
C VAL A 29 8.47 -3.49 10.24
N THR A 30 7.47 -2.64 10.05
CA THR A 30 7.74 -1.25 9.68
C THR A 30 8.38 -0.49 10.84
N GLY A 31 7.96 -0.80 12.07
CA GLY A 31 8.56 -0.17 13.25
C GLY A 31 10.03 -0.52 13.35
N ARG A 32 10.36 -1.77 13.04
CA ARG A 32 11.75 -2.19 13.06
CA ARG A 32 11.75 -2.21 13.03
C ARG A 32 12.54 -1.46 11.96
N ALA A 33 11.95 -1.36 10.78
CA ALA A 33 12.61 -0.66 9.67
C ALA A 33 12.97 0.77 10.05
N VAL A 34 12.06 1.44 10.75
CA VAL A 34 12.30 2.82 11.21
C VAL A 34 13.41 2.84 12.27
N LYS A 35 13.29 1.97 13.27
CA LYS A 35 14.31 1.92 14.32
C LYS A 35 15.71 1.65 13.75
N HIS A 36 15.79 0.80 12.73
CA HIS A 36 17.08 0.44 12.12
C HIS A 36 17.52 1.42 11.02
N ASN A 37 16.81 2.54 10.89
CA ASN A 37 17.13 3.56 9.90
C ASN A 37 17.07 3.09 8.44
N LEU A 38 16.29 2.04 8.19
CA LEU A 38 16.08 1.59 6.80
C LEU A 38 15.00 2.46 6.16
N LEU A 39 14.09 2.93 6.99
CA LEU A 39 12.97 3.75 6.57
C LEU A 39 12.91 4.95 7.49
N LYS A 40 12.81 6.14 6.90
CA LYS A 40 12.57 7.33 7.71
C LYS A 40 11.24 7.94 7.33
N VAL A 41 10.42 8.21 8.33
CA VAL A 41 9.14 8.85 8.08
C VAL A 41 9.16 10.16 8.84
N GLU A 42 8.93 11.24 8.12
CA GLU A 42 8.98 12.58 8.72
C GLU A 42 7.68 13.31 8.43
N CYS A 43 7.03 13.85 9.47
CA CYS A 43 5.70 14.44 9.30
C CYS A 43 5.70 15.95 9.52
N TRP A 44 4.96 16.65 8.68
CA TRP A 44 4.67 18.07 8.87
C TRP A 44 3.17 18.26 8.97
N ASN A 45 2.73 19.06 9.94
CA ASN A 45 1.32 19.28 10.22
C ASN A 45 0.92 20.69 9.77
N PRO A 46 0.02 20.82 8.78
CA PRO A 46 -0.45 22.14 8.36
C PRO A 46 -0.89 23.03 9.52
N ARG A 47 -1.37 22.44 10.61
CA ARG A 47 -1.77 23.26 11.76
C ARG A 47 -0.59 24.09 12.27
N ASP A 48 0.63 23.56 12.12
CA ASP A 48 1.79 24.29 12.60
C ASP A 48 2.17 25.49 11.71
N PHE A 49 1.53 25.56 10.53
CA PHE A 49 1.85 26.62 9.57
C PHE A 49 0.75 27.67 9.49
N THR A 50 -0.17 27.62 10.45
CA THR A 50 -1.23 28.63 10.55
C THR A 50 -0.73 29.84 11.33
N PHE A 51 -1.41 30.97 11.16
CA PHE A 51 -1.05 32.18 11.90
C PHE A 51 -2.19 32.79 12.70
N ASP A 52 -3.42 32.33 12.46
CA ASP A 52 -4.52 32.92 13.24
C ASP A 52 -4.58 32.26 14.61
N LYS A 53 -5.29 32.91 15.52
CA LYS A 53 -5.36 32.47 16.92
C LYS A 53 -5.88 31.05 17.06
N HIS A 54 -6.82 30.67 16.20
CA HIS A 54 -7.45 29.37 16.36
C HIS A 54 -6.87 28.30 15.45
N LYS A 55 -5.76 28.64 14.79
CA LYS A 55 -5.01 27.66 14.00
C LYS A 55 -5.92 26.94 13.00
N THR A 56 -6.58 27.75 12.18
CA THR A 56 -7.59 27.24 11.27
C THR A 56 -6.97 26.52 10.08
N VAL A 57 -7.42 25.30 9.82
CA VAL A 57 -6.82 24.52 8.74
C VAL A 57 -7.83 24.12 7.67
N ASP A 58 -9.08 24.55 7.80
CA ASP A 58 -10.07 24.29 6.76
C ASP A 58 -10.61 25.61 6.20
N ASP A 59 -11.37 25.52 5.11
CA ASP A 59 -11.87 26.70 4.43
C ASP A 59 -13.07 26.29 3.57
N ARG A 60 -13.88 27.27 3.20
CA ARG A 60 -15.13 27.01 2.52
C ARG A 60 -14.92 26.88 1.01
N PRO A 61 -15.62 25.91 0.40
CA PRO A 61 -15.48 25.71 -1.04
C PRO A 61 -16.19 26.82 -1.82
N TYR A 62 -15.53 27.35 -2.85
CA TYR A 62 -16.25 28.22 -3.76
C TYR A 62 -17.39 27.43 -4.39
N GLY A 63 -18.53 28.08 -4.58
CA GLY A 63 -19.68 27.44 -5.19
C GLY A 63 -20.63 26.82 -4.19
N GLY A 64 -20.24 26.82 -2.92
CA GLY A 64 -21.08 26.26 -1.89
C GLY A 64 -20.95 24.75 -1.79
N GLY A 65 -21.88 24.13 -1.06
CA GLY A 65 -21.79 22.72 -0.78
C GLY A 65 -21.68 22.52 0.72
N PRO A 66 -21.97 21.32 1.19
CA PRO A 66 -22.06 21.04 2.63
C PRO A 66 -20.69 20.83 3.30
N GLY A 67 -19.65 20.62 2.51
CA GLY A 67 -18.36 20.26 3.06
C GLY A 67 -17.35 21.39 3.15
N MET A 68 -16.18 21.07 3.69
CA MET A 68 -15.09 22.03 3.75
C MET A 68 -13.91 21.46 2.98
N LEU A 69 -12.93 22.30 2.70
CA LEU A 69 -11.70 21.85 2.07
C LEU A 69 -10.55 22.19 2.98
N MET A 70 -9.40 21.58 2.74
CA MET A 70 -8.23 22.02 3.47
CA MET A 70 -8.16 21.99 3.40
C MET A 70 -7.90 23.45 3.06
N MET A 71 -7.53 24.25 4.04
CA MET A 71 -7.18 25.65 3.76
C MET A 71 -5.88 25.66 2.97
N VAL A 72 -5.80 26.50 1.94
CA VAL A 72 -4.66 26.45 1.03
C VAL A 72 -3.34 26.89 1.69
N GLN A 73 -3.32 28.05 2.34
CA GLN A 73 -2.04 28.59 2.81
C GLN A 73 -1.27 27.66 3.80
N PRO A 74 -1.94 27.12 4.83
CA PRO A 74 -1.16 26.26 5.74
C PRO A 74 -0.69 24.98 5.05
N LEU A 75 -1.52 24.45 4.16
CA LEU A 75 -1.19 23.19 3.49
C LEU A 75 -0.05 23.41 2.51
N ARG A 76 -0.16 24.48 1.73
CA ARG A 76 0.88 24.85 0.78
C ARG A 76 2.22 25.05 1.47
N ASP A 77 2.20 25.78 2.59
CA ASP A 77 3.44 26.07 3.31
C ASP A 77 4.04 24.77 3.87
N ALA A 78 3.18 23.86 4.32
CA ALA A 78 3.68 22.58 4.86
C ALA A 78 4.35 21.77 3.75
N ILE A 79 3.71 21.71 2.60
CA ILE A 79 4.29 21.02 1.45
C ILE A 79 5.65 21.62 1.06
N HIS A 80 5.74 22.94 1.00
CA HIS A 80 6.99 23.57 0.59
C HIS A 80 8.10 23.23 1.57
N THR A 81 7.75 23.16 2.84
CA THR A 81 8.73 22.85 3.89
C THR A 81 9.22 21.41 3.73
N ALA A 82 8.29 20.50 3.49
CA ALA A 82 8.65 19.10 3.23
C ALA A 82 9.55 18.98 1.99
N LYS A 83 9.23 19.74 0.94
CA LYS A 83 10.00 19.67 -0.29
C LYS A 83 11.43 20.16 -0.05
N ALA A 84 11.56 21.20 0.76
CA ALA A 84 12.89 21.74 1.08
C ALA A 84 13.70 20.72 1.88
N ALA A 85 13.03 20.02 2.79
CA ALA A 85 13.70 19.01 3.60
C ALA A 85 14.14 17.80 2.74
N ALA A 86 13.36 17.52 1.71
CA ALA A 86 13.62 16.35 0.87
C ALA A 86 14.81 16.57 -0.03
N GLY A 87 15.03 17.81 -0.42
CA GLY A 87 16.05 18.14 -1.40
C GLY A 87 15.58 17.68 -2.77
N GLU A 88 16.52 17.41 -3.66
CA GLU A 88 16.19 17.08 -5.04
C GLU A 88 15.67 15.66 -5.20
N GLY A 89 14.75 15.49 -6.14
CA GLY A 89 14.32 14.16 -6.57
C GLY A 89 13.19 13.49 -5.79
N ALA A 90 12.50 14.22 -4.93
CA ALA A 90 11.38 13.61 -4.22
C ALA A 90 10.11 13.72 -5.04
N LYS A 91 9.40 12.59 -5.16
CA LYS A 91 8.12 12.57 -5.86
C LYS A 91 7.01 12.90 -4.87
N VAL A 92 6.16 13.86 -5.22
CA VAL A 92 5.09 14.29 -4.32
C VAL A 92 3.77 13.62 -4.72
N ILE A 93 3.19 12.88 -3.78
CA ILE A 93 2.00 12.10 -4.05
C ILE A 93 0.80 12.58 -3.25
N TYR A 94 -0.34 12.71 -3.91
CA TYR A 94 -1.57 13.03 -3.20
C TYR A 94 -2.44 11.77 -3.11
N LEU A 95 -2.83 11.39 -1.91
CA LEU A 95 -3.68 10.20 -1.75
C LEU A 95 -5.14 10.59 -2.01
N SER A 96 -5.78 10.03 -3.04
CA SER A 96 -7.19 10.36 -3.28
C SER A 96 -7.90 9.30 -4.11
N PRO A 97 -9.23 9.21 -3.99
CA PRO A 97 -10.01 8.26 -4.80
C PRO A 97 -9.94 8.57 -6.29
N GLN A 98 -9.53 9.78 -6.65
CA GLN A 98 -9.42 10.16 -8.06
C GLN A 98 -8.06 9.76 -8.62
N GLY A 99 -7.25 9.09 -7.81
CA GLY A 99 -5.91 8.75 -8.24
C GLY A 99 -5.82 7.43 -8.99
N ARG A 100 -4.61 7.13 -9.45
CA ARG A 100 -4.30 5.83 -10.03
C ARG A 100 -4.51 4.74 -8.99
N LYS A 101 -5.20 3.67 -9.38
CA LYS A 101 -5.48 2.60 -8.43
C LYS A 101 -4.20 1.86 -8.06
N LEU A 102 -3.87 1.81 -6.77
CA LEU A 102 -2.70 1.08 -6.31
C LEU A 102 -2.85 -0.44 -6.49
N ASP A 103 -1.82 -1.08 -7.05
CA ASP A 103 -1.70 -2.53 -7.03
C ASP A 103 -0.22 -2.88 -6.87
N GLN A 104 0.12 -4.17 -6.83
CA GLN A 104 1.49 -4.56 -6.49
C GLN A 104 2.50 -4.06 -7.53
N GLY A 105 2.09 -4.04 -8.80
CA GLY A 105 2.92 -3.45 -9.83
C GLY A 105 3.18 -1.97 -9.57
N GLY A 106 2.14 -1.28 -9.09
CA GLY A 106 2.28 0.13 -8.77
C GLY A 106 3.17 0.31 -7.54
N VAL A 107 3.04 -0.61 -6.58
CA VAL A 107 3.88 -0.57 -5.39
C VAL A 107 5.36 -0.70 -5.77
N THR A 108 5.65 -1.67 -6.65
CA THR A 108 7.02 -1.89 -7.10
C THR A 108 7.57 -0.64 -7.80
N GLU A 109 6.71 0.04 -8.55
CA GLU A 109 7.11 1.28 -9.21
C GLU A 109 7.41 2.39 -8.20
N LEU A 110 6.54 2.55 -7.22
CA LEU A 110 6.72 3.60 -6.22
C LEU A 110 7.94 3.33 -5.37
N ALA A 111 8.23 2.05 -5.14
CA ALA A 111 9.34 1.67 -4.28
C ALA A 111 10.70 1.98 -4.93
N GLN A 112 10.70 2.34 -6.21
CA GLN A 112 11.95 2.67 -6.89
C GLN A 112 12.44 4.07 -6.51
N ASN A 113 11.57 4.83 -5.86
CA ASN A 113 11.91 6.18 -5.40
C ASN A 113 12.60 6.15 -4.05
N GLN A 114 13.70 6.88 -3.92
CA GLN A 114 14.41 6.96 -2.64
C GLN A 114 13.71 7.94 -1.71
N LYS A 115 13.01 8.91 -2.30
CA LYS A 115 12.26 9.92 -1.53
C LYS A 115 10.85 10.07 -2.07
N LEU A 116 9.89 10.11 -1.15
CA LEU A 116 8.50 10.37 -1.47
C LEU A 116 7.96 11.38 -0.50
N ILE A 117 7.04 12.23 -0.96
CA ILE A 117 6.28 13.08 -0.05
C ILE A 117 4.81 12.75 -0.23
N LEU A 118 4.15 12.39 0.86
CA LEU A 118 2.77 11.94 0.81
C LEU A 118 1.85 12.98 1.42
N VAL A 119 0.96 13.54 0.61
CA VAL A 119 0.05 14.56 1.11
C VAL A 119 -1.30 13.94 1.47
N CYS A 120 -1.70 14.07 2.73
CA CYS A 120 -2.94 13.46 3.20
C CYS A 120 -4.03 14.50 3.32
N GLY A 121 -5.10 14.32 2.55
CA GLY A 121 -6.20 15.27 2.61
C GLY A 121 -7.17 14.89 3.73
N ARG A 122 -7.88 15.90 4.24
CA ARG A 122 -9.01 15.69 5.13
C ARG A 122 -10.18 16.49 4.57
N TYR A 123 -11.33 16.39 5.21
CA TYR A 123 -12.55 17.08 4.74
C TYR A 123 -12.87 16.65 3.31
N GLU A 124 -13.33 17.56 2.45
CA GLU A 124 -13.65 17.17 1.08
C GLU A 124 -12.42 17.19 0.16
N GLY A 125 -11.24 17.37 0.74
CA GLY A 125 -10.01 17.26 -0.02
C GLY A 125 -9.30 18.59 -0.16
N ILE A 126 -8.54 18.74 -1.23
CA ILE A 126 -7.69 19.94 -1.38
C ILE A 126 -8.02 20.69 -2.67
N ASP A 127 -7.60 21.95 -2.72
CA ASP A 127 -7.83 22.82 -3.85
C ASP A 127 -7.22 22.21 -5.12
N GLU A 128 -8.00 22.16 -6.19
CA GLU A 128 -7.53 21.55 -7.44
C GLU A 128 -6.25 22.21 -7.98
N ARG A 129 -6.08 23.50 -7.71
CA ARG A 129 -4.90 24.18 -8.22
C ARG A 129 -3.63 23.75 -7.47
N LEU A 130 -3.78 23.29 -6.24
CA LEU A 130 -2.63 22.74 -5.52
C LEU A 130 -2.22 21.41 -6.12
N ILE A 131 -3.19 20.64 -6.60
CA ILE A 131 -2.85 19.38 -7.26
C ILE A 131 -2.06 19.70 -8.53
N GLN A 132 -2.51 20.73 -9.26
CA GLN A 132 -1.81 21.15 -10.46
C GLN A 132 -0.40 21.67 -10.18
N THR A 133 -0.24 22.44 -9.11
CA THR A 133 1.04 23.13 -8.88
C THR A 133 2.00 22.36 -7.96
N GLU A 134 1.50 21.46 -7.13
CA GLU A 134 2.36 20.86 -6.10
C GLU A 134 2.47 19.35 -6.17
N ILE A 135 1.50 18.70 -6.80
CA ILE A 135 1.44 17.23 -6.76
C ILE A 135 1.98 16.62 -8.04
N ASP A 136 2.82 15.59 -7.91
CA ASP A 136 3.32 14.89 -9.09
C ASP A 136 2.37 13.82 -9.57
N GLU A 137 1.85 13.04 -8.63
CA GLU A 137 0.98 11.91 -8.95
C GLU A 137 -0.13 11.76 -7.91
N GLU A 138 -1.33 11.41 -8.36
CA GLU A 138 -2.42 11.04 -7.45
C GLU A 138 -2.55 9.52 -7.44
N TRP A 139 -2.67 8.95 -6.25
CA TRP A 139 -2.82 7.49 -6.11
C TRP A 139 -4.00 7.15 -5.20
N SER A 140 -4.75 6.13 -5.57
CA SER A 140 -5.84 5.60 -4.74
C SER A 140 -5.49 4.21 -4.24
N ILE A 141 -5.85 3.87 -3.00
CA ILE A 141 -5.61 2.50 -2.54
C ILE A 141 -6.80 1.60 -2.83
N GLY A 142 -7.90 2.20 -3.29
CA GLY A 142 -9.06 1.41 -3.65
C GLY A 142 -10.29 2.25 -3.85
N ASP A 143 -11.30 1.67 -4.48
CA ASP A 143 -12.52 2.41 -4.78
C ASP A 143 -13.50 2.43 -3.61
N TYR A 144 -13.07 3.07 -2.52
CA TYR A 144 -13.92 3.28 -1.36
C TYR A 144 -13.56 4.60 -0.72
N VAL A 145 -14.48 5.15 0.06
CA VAL A 145 -14.27 6.49 0.58
C VAL A 145 -13.94 6.45 2.06
N LEU A 146 -12.89 7.16 2.44
CA LEU A 146 -12.41 7.18 3.81
C LEU A 146 -12.55 8.57 4.38
N THR A 147 -12.22 8.73 5.66
CA THR A 147 -12.34 10.02 6.31
C THR A 147 -11.12 10.89 6.07
N GLY A 148 -10.07 10.32 5.49
CA GLY A 148 -8.86 11.09 5.25
C GLY A 148 -7.81 10.28 4.52
N GLY A 149 -6.76 10.95 4.08
CA GLY A 149 -5.71 10.28 3.32
C GLY A 149 -4.67 9.53 4.16
N GLU A 150 -4.78 9.60 5.47
CA GLU A 150 -3.75 9.02 6.35
C GLU A 150 -3.67 7.48 6.24
N LEU A 151 -4.80 6.80 6.33
CA LEU A 151 -4.76 5.33 6.23
C LEU A 151 -4.24 4.91 4.85
N PRO A 152 -4.68 5.60 3.77
CA PRO A 152 -4.03 5.27 2.48
C PRO A 152 -2.53 5.53 2.46
N ALA A 153 -2.06 6.62 3.05
CA ALA A 153 -0.62 6.89 3.07
C ALA A 153 0.12 5.82 3.88
N MET A 154 -0.44 5.42 5.02
CA MET A 154 0.21 4.40 5.83
CA MET A 154 0.17 4.40 5.86
C MET A 154 0.24 3.08 5.09
N THR A 155 -0.83 2.79 4.35
CA THR A 155 -0.92 1.56 3.58
C THR A 155 0.17 1.55 2.51
N LEU A 156 0.31 2.67 1.82
CA LEU A 156 1.33 2.82 0.79
C LEU A 156 2.73 2.64 1.37
N ILE A 157 2.98 3.28 2.52
CA ILE A 157 4.29 3.18 3.18
C ILE A 157 4.60 1.74 3.56
N ASP A 158 3.61 1.06 4.12
CA ASP A 158 3.80 -0.32 4.52
C ASP A 158 4.16 -1.17 3.30
N ALA A 159 3.42 -0.99 2.21
CA ALA A 159 3.62 -1.82 1.03
C ALA A 159 5.00 -1.58 0.40
N VAL A 160 5.42 -0.32 0.29
CA VAL A 160 6.72 -0.04 -0.32
C VAL A 160 7.88 -0.42 0.60
N ALA A 161 7.64 -0.37 1.91
CA ALA A 161 8.68 -0.73 2.89
C ALA A 161 9.15 -2.16 2.72
N ARG A 162 8.25 -3.04 2.29
CA ARG A 162 8.60 -4.45 2.11
C ARG A 162 9.70 -4.62 1.05
N PHE A 163 9.91 -3.60 0.23
CA PHE A 163 10.90 -3.69 -0.85
C PHE A 163 12.28 -3.16 -0.45
N ILE A 164 12.35 -2.55 0.73
CA ILE A 164 13.61 -2.02 1.23
C ILE A 164 14.46 -3.19 1.71
N PRO A 165 15.72 -3.26 1.24
CA PRO A 165 16.58 -4.36 1.65
C PRO A 165 16.77 -4.37 3.17
N GLY A 166 16.61 -5.55 3.77
CA GLY A 166 16.81 -5.69 5.20
C GLY A 166 15.53 -5.58 6.01
N VAL A 167 14.45 -5.15 5.36
CA VAL A 167 13.20 -4.95 6.08
C VAL A 167 12.53 -6.29 6.35
N LEU A 168 12.46 -7.15 5.34
CA LEU A 168 11.81 -8.45 5.51
C LEU A 168 12.77 -9.49 6.07
N SER A 178 0.77 -15.21 -3.41
CA SER A 178 1.95 -15.31 -4.25
C SER A 178 1.91 -14.29 -5.37
N PHE A 179 1.81 -13.01 -5.01
CA PHE A 179 1.71 -11.94 -5.99
C PHE A 179 3.02 -11.74 -6.74
N ALA A 180 4.07 -12.45 -6.32
CA ALA A 180 5.34 -12.43 -7.01
C ALA A 180 5.17 -12.81 -8.47
N ASP A 181 4.30 -13.77 -8.74
CA ASP A 181 3.96 -14.13 -10.10
C ASP A 181 2.49 -13.85 -10.39
N GLY A 182 1.86 -13.01 -9.57
CA GLY A 182 0.52 -12.51 -9.87
C GLY A 182 -0.64 -13.41 -9.48
N LEU A 183 -0.36 -14.43 -8.68
CA LEU A 183 -1.38 -15.39 -8.27
C LEU A 183 -1.76 -15.20 -6.81
N LEU A 184 -2.95 -15.64 -6.44
CA LEU A 184 -3.31 -15.69 -5.02
C LEU A 184 -2.45 -16.72 -4.31
N ASP A 185 -2.29 -16.56 -3.01
CA ASP A 185 -1.43 -17.44 -2.22
C ASP A 185 -2.07 -18.83 -2.06
N CYS A 186 -1.23 -19.84 -1.83
CA CYS A 186 -1.72 -21.18 -1.52
C CYS A 186 -2.15 -21.25 -0.06
N PRO A 187 -2.98 -22.24 0.30
CA PRO A 187 -3.32 -22.45 1.72
C PRO A 187 -2.08 -22.81 2.51
N HIS A 188 -2.08 -22.43 3.78
CA HIS A 188 -0.96 -22.70 4.68
C HIS A 188 -1.48 -23.46 5.89
N TYR A 189 -0.65 -24.35 6.42
CA TYR A 189 -1.03 -25.16 7.58
C TYR A 189 0.09 -25.16 8.60
N THR A 190 -0.29 -25.14 9.87
CA THR A 190 0.68 -25.33 10.94
C THR A 190 0.05 -26.26 12.00
N ARG A 191 0.72 -26.44 13.14
CA ARG A 191 0.22 -27.36 14.16
C ARG A 191 -1.15 -26.92 14.65
N PRO A 192 -2.02 -27.88 15.03
CA PRO A 192 -1.82 -29.33 15.12
C PRO A 192 -2.12 -30.07 13.82
N GLU A 193 -1.73 -31.33 13.77
CA GLU A 193 -1.94 -32.11 12.55
C GLU A 193 -3.43 -32.27 12.23
N VAL A 194 -4.26 -32.31 13.26
CA VAL A 194 -5.72 -32.36 13.08
C VAL A 194 -6.39 -31.27 13.90
N LEU A 195 -7.26 -30.50 13.24
CA LEU A 195 -7.91 -29.37 13.88
C LEU A 195 -9.40 -29.38 13.54
N GLU A 196 -10.21 -29.58 14.58
CA GLU A 196 -11.64 -29.85 14.45
C GLU A 196 -11.94 -30.86 13.33
N GLY A 197 -11.22 -31.97 13.34
CA GLY A 197 -11.45 -33.04 12.39
C GLY A 197 -10.82 -32.81 11.02
N LEU A 198 -10.26 -31.63 10.82
CA LEU A 198 -9.64 -31.29 9.53
C LEU A 198 -8.16 -31.59 9.56
N THR A 199 -7.70 -32.37 8.59
CA THR A 199 -6.31 -32.82 8.57
C THR A 199 -5.46 -31.97 7.64
N VAL A 200 -4.15 -31.95 7.89
CA VAL A 200 -3.20 -31.35 6.97
C VAL A 200 -3.01 -32.24 5.74
N PRO A 201 -3.06 -31.67 4.52
CA PRO A 201 -2.78 -32.44 3.32
C PRO A 201 -1.48 -33.24 3.44
N PRO A 202 -1.56 -34.57 3.26
CA PRO A 202 -0.41 -35.45 3.48
C PRO A 202 0.84 -35.04 2.70
N VAL A 203 0.67 -34.46 1.52
CA VAL A 203 1.83 -34.05 0.73
C VAL A 203 2.73 -33.09 1.54
N LEU A 204 2.12 -32.23 2.34
CA LEU A 204 2.91 -31.28 3.13
C LEU A 204 3.70 -31.96 4.25
N MET A 205 3.32 -33.19 4.60
CA MET A 205 3.99 -33.97 5.63
CA MET A 205 4.04 -33.92 5.63
C MET A 205 5.03 -34.92 5.02
N SER A 206 5.03 -35.02 3.70
CA SER A 206 5.89 -35.96 2.98
C SER A 206 7.37 -35.64 3.00
N GLY A 207 7.70 -34.35 3.12
CA GLY A 207 9.08 -33.93 3.02
C GLY A 207 9.61 -33.96 1.59
N HIS A 208 8.71 -34.20 0.64
CA HIS A 208 9.07 -34.21 -0.78
C HIS A 208 9.01 -32.79 -1.33
N HIS A 209 10.16 -32.14 -1.39
CA HIS A 209 10.23 -30.71 -1.67
C HIS A 209 9.62 -30.31 -3.02
N GLU A 210 9.84 -31.15 -4.04
CA GLU A 210 9.33 -30.86 -5.37
C GLU A 210 7.81 -31.09 -5.46
N GLU A 211 7.33 -32.17 -4.85
CA GLU A 211 5.89 -32.42 -4.78
C GLU A 211 5.20 -31.27 -4.04
N ILE A 212 5.82 -30.81 -2.96
CA ILE A 212 5.24 -29.73 -2.16
C ILE A 212 5.17 -28.42 -2.96
N ARG A 213 6.25 -28.12 -3.69
CA ARG A 213 6.28 -26.92 -4.53
C ARG A 213 5.15 -26.95 -5.55
N LYS A 214 5.00 -28.08 -6.22
CA LYS A 214 3.98 -28.21 -7.27
C LYS A 214 2.58 -28.16 -6.69
N TRP A 215 2.37 -28.80 -5.54
CA TRP A 215 1.08 -28.72 -4.86
C TRP A 215 0.70 -27.27 -4.54
N ARG A 216 1.64 -26.53 -3.97
CA ARG A 216 1.37 -25.15 -3.60
C ARG A 216 1.07 -24.30 -4.83
N LEU A 217 1.82 -24.51 -5.89
CA LEU A 217 1.60 -23.75 -7.12
C LEU A 217 0.25 -24.09 -7.73
N LYS A 218 -0.08 -25.38 -7.75
CA LYS A 218 -1.38 -25.81 -8.25
C LYS A 218 -2.53 -25.21 -7.43
N GLN A 219 -2.40 -25.20 -6.11
CA GLN A 219 -3.40 -24.56 -5.25
C GLN A 219 -3.55 -23.07 -5.55
N SER A 220 -2.44 -22.38 -5.76
CA SER A 220 -2.49 -20.95 -6.09
C SER A 220 -3.24 -20.73 -7.40
N LEU A 221 -2.92 -21.57 -8.38
CA LEU A 221 -3.56 -21.46 -9.68
C LEU A 221 -5.05 -21.75 -9.56
N GLN A 222 -5.41 -22.81 -8.82
CA GLN A 222 -6.82 -23.13 -8.63
C GLN A 222 -7.59 -22.02 -7.90
N ARG A 223 -6.99 -21.49 -6.83
CA ARG A 223 -7.64 -20.42 -6.06
C ARG A 223 -7.78 -19.14 -6.88
N THR A 224 -6.78 -18.82 -7.68
CA THR A 224 -6.87 -17.63 -8.51
C THR A 224 -7.98 -17.81 -9.54
N TRP A 225 -8.03 -18.99 -10.15
CA TRP A 225 -9.05 -19.30 -11.15
C TRP A 225 -10.47 -19.19 -10.56
N LEU A 226 -10.66 -19.75 -9.38
CA LEU A 226 -12.00 -19.77 -8.75
C LEU A 226 -12.41 -18.41 -8.16
N ARG A 227 -11.47 -17.69 -7.58
CA ARG A 227 -11.82 -16.47 -6.84
C ARG A 227 -11.62 -15.22 -7.66
N ARG A 228 -10.54 -15.20 -8.45
CA ARG A 228 -10.14 -14.00 -9.16
C ARG A 228 -9.73 -14.33 -10.60
N PRO A 229 -10.66 -14.90 -11.39
CA PRO A 229 -10.26 -15.40 -12.72
C PRO A 229 -9.72 -14.28 -13.63
N GLU A 230 -10.11 -13.04 -13.36
CA GLU A 230 -9.64 -11.93 -14.20
C GLU A 230 -8.12 -11.75 -14.05
N LEU A 231 -7.57 -12.15 -12.90
CA LEU A 231 -6.12 -12.03 -12.69
C LEU A 231 -5.34 -12.97 -13.61
N LEU A 232 -5.95 -14.11 -13.94
CA LEU A 232 -5.30 -15.09 -14.81
C LEU A 232 -5.12 -14.58 -16.23
N GLU A 233 -6.13 -13.88 -16.73
CA GLU A 233 -6.10 -13.37 -18.09
C GLU A 233 -4.96 -12.39 -18.30
N GLY A 234 -4.46 -11.82 -17.21
CA GLY A 234 -3.38 -10.85 -17.29
C GLY A 234 -2.00 -11.50 -17.24
N LEU A 235 -1.98 -12.83 -17.22
CA LEU A 235 -0.73 -13.56 -17.07
C LEU A 235 -0.37 -14.37 -18.29
N ALA A 236 0.93 -14.51 -18.53
CA ALA A 236 1.46 -15.45 -19.49
C ALA A 236 1.96 -16.67 -18.69
N LEU A 237 1.10 -17.66 -18.54
CA LEU A 237 1.44 -18.81 -17.71
C LEU A 237 2.60 -19.61 -18.29
N THR A 238 3.46 -20.09 -17.41
CA THR A 238 4.51 -21.02 -17.83
C THR A 238 3.89 -22.34 -18.24
N ASP A 239 4.66 -23.18 -18.94
CA ASP A 239 4.20 -24.50 -19.33
CA ASP A 239 4.19 -24.49 -19.32
C ASP A 239 3.75 -25.28 -18.10
N GLU A 240 4.55 -25.20 -17.03
CA GLU A 240 4.21 -25.92 -15.79
C GLU A 240 2.92 -25.39 -15.21
N GLN A 241 2.76 -24.07 -15.19
CA GLN A 241 1.54 -23.48 -14.67
C GLN A 241 0.32 -23.85 -15.51
N ARG A 242 0.48 -23.87 -16.83
CA ARG A 242 -0.63 -24.25 -17.72
C ARG A 242 -1.09 -25.68 -17.40
N LYS A 243 -0.14 -26.57 -17.19
CA LYS A 243 -0.43 -27.98 -16.87
C LYS A 243 -1.16 -28.14 -15.53
N LEU A 244 -0.61 -27.53 -14.48
CA LEU A 244 -1.21 -27.64 -13.15
C LEU A 244 -2.59 -26.97 -13.09
N LEU A 245 -2.78 -25.89 -13.83
CA LEU A 245 -4.09 -25.24 -13.89
C LEU A 245 -5.09 -26.16 -14.57
N LYS A 246 -4.70 -26.75 -15.69
CA LYS A 246 -5.53 -27.74 -16.37
C LYS A 246 -5.92 -28.88 -15.43
N GLU A 247 -4.94 -29.40 -14.70
CA GLU A 247 -5.22 -30.48 -13.74
C GLU A 247 -6.23 -30.03 -12.69
N ALA A 248 -6.03 -28.83 -12.15
CA ALA A 248 -6.92 -28.31 -11.11
C ALA A 248 -8.34 -28.14 -11.64
N GLN A 249 -8.45 -27.65 -12.87
CA GLN A 249 -9.76 -27.46 -13.48
C GLN A 249 -10.42 -28.80 -13.80
N ALA A 250 -9.64 -29.80 -14.19
CA ALA A 250 -10.18 -31.15 -14.42
C ALA A 250 -10.72 -31.76 -13.12
N GLU A 251 -9.94 -31.65 -12.04
CA GLU A 251 -10.36 -32.18 -10.76
C GLU A 251 -11.60 -31.47 -10.22
N HIS A 252 -11.74 -30.21 -10.58
CA HIS A 252 -12.90 -29.42 -10.18
C HIS A 252 -14.15 -29.90 -10.91
N ASN A 253 -13.97 -30.36 -12.14
CA ASN A 253 -15.09 -30.83 -12.97
C ASN A 253 -15.30 -32.34 -12.87
N SER A 254 -14.76 -32.96 -11.83
CA SER A 254 -14.87 -34.40 -11.67
C SER A 254 -15.48 -34.78 -10.33
#